data_1T43
#
_entry.id   1T43
#
_cell.length_a   138.933
_cell.length_b   138.933
_cell.length_c   40.583
_cell.angle_alpha   90.00
_cell.angle_beta   90.00
_cell.angle_gamma   120.00
#
_symmetry.space_group_name_H-M   'P 63'
#
loop_
_entity.id
_entity.type
_entity.pdbx_description
1 polymer 'Protein methyltransferase hemK'
2 non-polymer S-ADENOSYL-L-HOMOCYSTEINE
#
_entity_poly.entity_id   1
_entity_poly.type   'polypeptide(L)'
_entity_poly.pdbx_seq_one_letter_code
;MEYQHWLREAISQLQASESPRRDAEILLEHVTGRGRTFILAFGETQLTDEQCQQLDALLTRRRDGEPIAHLTGVREFWSL
PLFVSPATLIPRPDTECLVEQALARLPEQPCRILDLGTGTGAIALALASERPDCEIIAVDRMPDAVSLAQRNAQHLAIKN
IHILQSDWFSALAGQQFAMIVSNPPYIDEQDPHLQQGDVRFEPLTALVAADSGMADIVHIIEQSRNALVSGGFLLLEHGW
QQGEAVRQAFILAGYHDVETCRDYGDNERVTLGRYYQ
;
_entity_poly.pdbx_strand_id   A
#
# COMPACT_ATOMS: atom_id res chain seq x y z
N GLU A 2 -33.48 -9.96 -10.63
CA GLU A 2 -32.20 -10.11 -11.31
C GLU A 2 -31.11 -9.58 -10.35
N TYR A 3 -29.83 -9.43 -10.86
CA TYR A 3 -28.62 -8.97 -10.11
C TYR A 3 -28.58 -7.45 -10.02
N GLN A 4 -28.60 -6.88 -11.21
CA GLN A 4 -28.57 -5.47 -11.38
C GLN A 4 -29.51 -4.81 -10.41
N HIS A 5 -30.74 -5.32 -10.34
CA HIS A 5 -31.80 -4.77 -9.49
C HIS A 5 -31.41 -4.57 -8.07
N TRP A 6 -30.72 -5.62 -7.63
CA TRP A 6 -30.23 -5.66 -6.32
C TRP A 6 -29.17 -4.62 -6.21
N LEU A 7 -28.28 -4.57 -7.19
CA LEU A 7 -27.21 -3.60 -7.12
C LEU A 7 -27.73 -2.20 -6.86
N ARG A 8 -28.54 -1.67 -7.78
CA ARG A 8 -29.04 -0.32 -7.63
C ARG A 8 -29.78 -0.10 -6.31
N GLU A 9 -30.31 -1.16 -5.71
CA GLU A 9 -30.99 -1.01 -4.45
C GLU A 9 -29.92 -0.39 -3.54
N ALA A 10 -28.70 -0.90 -3.68
CA ALA A 10 -27.55 -0.43 -2.90
C ALA A 10 -27.05 0.95 -3.33
N ILE A 11 -26.77 1.15 -4.64
CA ILE A 11 -26.31 2.40 -5.22
C ILE A 11 -26.98 3.59 -4.64
N SER A 12 -28.28 3.60 -4.52
CA SER A 12 -29.01 4.72 -3.93
C SER A 12 -28.52 5.08 -2.53
N GLN A 13 -27.88 4.10 -1.89
CA GLN A 13 -27.40 4.20 -0.51
C GLN A 13 -26.08 4.92 -0.35
N LEU A 14 -25.06 4.33 -0.98
CA LEU A 14 -23.70 4.81 -1.01
C LEU A 14 -23.56 6.02 -1.85
N GLN A 15 -24.70 6.56 -2.30
CA GLN A 15 -24.69 7.72 -3.13
C GLN A 15 -23.65 8.74 -2.64
N ALA A 16 -23.75 9.33 -1.46
CA ALA A 16 -22.78 10.40 -1.14
C ALA A 16 -21.39 9.99 -0.56
N SER A 17 -21.40 8.93 0.22
CA SER A 17 -20.18 8.42 0.92
C SER A 17 -18.95 8.33 0.05
N GLU A 18 -18.93 7.41 -0.93
CA GLU A 18 -17.75 7.37 -1.77
C GLU A 18 -18.33 7.43 -3.17
N SER A 19 -17.74 6.96 -4.26
CA SER A 19 -18.45 7.04 -5.53
C SER A 19 -18.85 5.59 -5.84
N PRO A 20 -20.25 5.46 -5.69
CA PRO A 20 -21.06 4.18 -5.57
C PRO A 20 -20.97 2.85 -6.29
N ARG A 21 -21.30 2.73 -7.46
CA ARG A 21 -21.32 1.46 -8.14
C ARG A 21 -20.24 0.35 -7.91
N ARG A 22 -18.98 0.68 -8.20
CA ARG A 22 -17.90 -0.26 -8.01
C ARG A 22 -18.03 -0.84 -6.62
N ASP A 23 -18.25 0.02 -5.62
CA ASP A 23 -18.40 -0.48 -4.25
C ASP A 23 -19.25 -1.75 -4.28
N ALA A 24 -20.53 -1.56 -4.60
CA ALA A 24 -21.51 -2.63 -4.68
C ALA A 24 -21.00 -3.81 -5.49
N GLU A 25 -20.61 -3.53 -6.73
CA GLU A 25 -20.11 -4.57 -7.63
C GLU A 25 -19.14 -5.50 -6.94
N ILE A 26 -17.97 -4.97 -6.57
CA ILE A 26 -16.95 -5.74 -5.90
C ILE A 26 -17.51 -6.21 -4.56
N LEU A 27 -18.38 -5.39 -3.96
CA LEU A 27 -18.97 -5.74 -2.68
C LEU A 27 -19.88 -6.94 -2.82
N LEU A 28 -20.45 -7.15 -4.01
CA LEU A 28 -21.32 -8.29 -4.24
C LEU A 28 -20.60 -9.25 -5.17
N GLU A 29 -19.46 -8.80 -5.66
CA GLU A 29 -18.64 -9.61 -6.57
C GLU A 29 -17.93 -10.69 -5.77
N HIS A 30 -18.07 -10.64 -4.44
CA HIS A 30 -17.43 -11.63 -3.63
C HIS A 30 -18.45 -12.62 -3.08
N VAL A 31 -19.70 -12.16 -2.97
CA VAL A 31 -20.83 -12.94 -2.37
C VAL A 31 -21.10 -14.19 -3.04
N THR A 32 -21.87 -14.31 -4.13
CA THR A 32 -21.98 -15.56 -4.89
C THR A 32 -20.76 -15.33 -5.75
N GLY A 33 -20.39 -14.09 -5.65
CA GLY A 33 -19.19 -13.49 -6.24
C GLY A 33 -18.38 -14.29 -7.22
N ARG A 34 -18.60 -13.99 -8.54
CA ARG A 34 -18.13 -14.80 -9.65
C ARG A 34 -17.01 -14.10 -10.41
N GLY A 35 -17.18 -12.93 -10.90
CA GLY A 35 -16.29 -12.23 -11.75
C GLY A 35 -17.03 -10.92 -11.89
N ARG A 36 -16.43 -9.91 -12.43
CA ARG A 36 -17.11 -8.63 -12.56
C ARG A 36 -17.66 -8.58 -13.98
N THR A 37 -16.92 -9.23 -14.88
CA THR A 37 -17.27 -9.30 -16.29
C THR A 37 -18.54 -10.13 -16.46
N PHE A 38 -18.77 -11.00 -15.49
CA PHE A 38 -19.94 -11.87 -15.46
C PHE A 38 -21.12 -10.94 -15.17
N ILE A 39 -21.08 -10.44 -13.94
CA ILE A 39 -22.07 -9.52 -13.41
C ILE A 39 -22.43 -8.50 -14.44
N LEU A 40 -21.46 -8.03 -15.21
CA LEU A 40 -21.77 -7.07 -16.23
C LEU A 40 -22.52 -7.82 -17.29
N ALA A 41 -21.94 -8.93 -17.76
CA ALA A 41 -22.56 -9.77 -18.78
C ALA A 41 -23.96 -10.18 -18.31
N PHE A 42 -24.02 -10.79 -17.17
CA PHE A 42 -25.28 -11.23 -16.57
C PHE A 42 -25.46 -10.62 -15.20
N GLY A 43 -26.03 -9.49 -15.09
CA GLY A 43 -26.34 -9.11 -13.77
C GLY A 43 -27.78 -9.50 -13.87
N GLU A 44 -28.00 -10.58 -14.67
CA GLU A 44 -29.36 -11.07 -14.95
C GLU A 44 -29.85 -11.97 -13.83
N THR A 45 -28.95 -12.93 -13.56
CA THR A 45 -29.01 -14.07 -12.58
C THR A 45 -29.30 -13.72 -11.22
N GLN A 46 -30.13 -14.16 -10.29
CA GLN A 46 -30.28 -13.65 -8.89
C GLN A 46 -29.23 -14.10 -7.84
N LEU A 47 -29.62 -13.98 -6.52
CA LEU A 47 -28.83 -14.39 -5.37
C LEU A 47 -29.73 -14.93 -4.22
N THR A 48 -29.19 -15.87 -3.45
CA THR A 48 -29.92 -16.46 -2.33
C THR A 48 -30.25 -15.35 -1.31
N ASP A 49 -31.32 -15.53 -0.55
CA ASP A 49 -31.76 -14.48 0.40
C ASP A 49 -30.74 -14.05 1.45
N GLU A 50 -30.34 -14.94 2.35
CA GLU A 50 -29.36 -14.55 3.34
C GLU A 50 -28.22 -14.00 2.50
N GLN A 51 -27.80 -14.80 1.53
CA GLN A 51 -26.74 -14.45 0.57
C GLN A 51 -26.89 -12.97 0.31
N CYS A 52 -28.15 -12.55 0.07
CA CYS A 52 -28.47 -11.17 -0.20
C CYS A 52 -28.49 -10.29 1.06
N GLN A 53 -29.29 -10.66 2.04
CA GLN A 53 -29.38 -9.89 3.27
C GLN A 53 -28.00 -9.47 3.77
N GLN A 54 -27.11 -10.42 3.96
CA GLN A 54 -25.79 -10.12 4.43
C GLN A 54 -25.27 -8.85 3.79
N LEU A 55 -25.34 -8.79 2.46
CA LEU A 55 -24.94 -7.62 1.72
C LEU A 55 -25.77 -6.44 2.19
N ASP A 56 -27.06 -6.62 2.20
CA ASP A 56 -27.96 -5.57 2.68
C ASP A 56 -27.40 -5.00 4.06
N ALA A 57 -26.59 -5.80 4.67
CA ALA A 57 -26.11 -5.34 5.95
C ALA A 57 -24.72 -4.76 5.82
N LEU A 58 -23.92 -5.36 4.98
CA LEU A 58 -22.56 -4.90 4.81
C LEU A 58 -22.65 -3.46 4.38
N LEU A 59 -23.79 -3.13 3.78
CA LEU A 59 -24.06 -1.78 3.30
C LEU A 59 -23.88 -0.71 4.37
N THR A 60 -24.77 -0.69 5.37
CA THR A 60 -24.66 0.29 6.45
C THR A 60 -23.19 0.44 6.85
N ARG A 61 -22.52 -0.70 7.08
CA ARG A 61 -21.11 -0.67 7.44
C ARG A 61 -20.40 0.31 6.54
N ARG A 62 -20.36 0.00 5.25
CA ARG A 62 -19.71 0.88 4.29
C ARG A 62 -20.42 2.21 4.17
N ARG A 63 -21.68 2.28 4.58
CA ARG A 63 -22.43 3.54 4.50
C ARG A 63 -21.81 4.57 5.42
N ASP A 64 -21.76 4.26 6.72
CA ASP A 64 -21.15 5.19 7.65
C ASP A 64 -19.81 5.59 7.04
N GLY A 65 -19.03 4.58 6.64
CA GLY A 65 -17.74 4.85 6.02
C GLY A 65 -16.71 3.73 6.03
N GLU A 66 -17.01 2.63 6.70
CA GLU A 66 -16.05 1.53 6.77
C GLU A 66 -15.51 1.18 5.40
N PRO A 67 -14.19 1.11 5.28
CA PRO A 67 -13.56 0.77 3.99
C PRO A 67 -14.07 -0.53 3.38
N ILE A 68 -14.35 -0.46 2.08
CA ILE A 68 -14.80 -1.60 1.30
C ILE A 68 -13.80 -2.72 1.49
N ALA A 69 -12.53 -2.40 1.23
CA ALA A 69 -11.44 -3.36 1.36
C ALA A 69 -11.53 -4.04 2.73
N HIS A 70 -11.82 -3.27 3.77
CA HIS A 70 -11.97 -3.85 5.08
C HIS A 70 -12.98 -5.01 5.04
N LEU A 71 -14.20 -4.64 4.64
CA LEU A 71 -15.34 -5.53 4.47
C LEU A 71 -14.98 -6.75 3.63
N THR A 72 -14.32 -6.52 2.50
CA THR A 72 -13.92 -7.60 1.63
C THR A 72 -12.83 -8.40 2.31
N GLY A 73 -11.90 -7.68 2.93
CA GLY A 73 -10.81 -8.35 3.62
C GLY A 73 -9.61 -8.65 2.74
N VAL A 74 -9.67 -8.18 1.50
CA VAL A 74 -8.58 -8.39 0.57
C VAL A 74 -8.49 -7.18 -0.34
N ARG A 75 -7.41 -7.07 -1.10
CA ARG A 75 -7.26 -5.95 -2.03
C ARG A 75 -6.31 -6.27 -3.18
N GLU A 76 -6.77 -5.97 -4.37
CA GLU A 76 -5.98 -6.18 -5.56
C GLU A 76 -4.96 -5.07 -5.56
N PHE A 77 -3.76 -5.36 -5.14
CA PHE A 77 -2.84 -4.32 -5.15
C PHE A 77 -2.72 -4.19 -6.62
N TRP A 78 -2.21 -3.05 -7.03
CA TRP A 78 -2.11 -2.91 -8.43
C TRP A 78 -2.16 -4.33 -9.02
N SER A 79 -1.48 -5.35 -8.60
CA SER A 79 -1.65 -6.53 -9.46
C SER A 79 -2.17 -7.77 -8.79
N LEU A 80 -1.93 -7.82 -7.56
CA LEU A 80 -2.23 -9.08 -6.80
C LEU A 80 -3.36 -9.00 -5.77
N PRO A 81 -3.75 -10.19 -5.27
CA PRO A 81 -4.74 -10.31 -4.21
C PRO A 81 -3.95 -10.19 -2.93
N LEU A 82 -4.24 -9.18 -2.14
CA LEU A 82 -3.53 -9.02 -0.92
C LEU A 82 -4.52 -8.93 0.22
N PHE A 83 -4.50 -9.93 1.07
CA PHE A 83 -5.39 -10.03 2.20
C PHE A 83 -5.09 -8.93 3.03
N VAL A 84 -6.02 -8.20 3.73
CA VAL A 84 -5.75 -7.01 4.53
C VAL A 84 -6.29 -7.07 5.97
N SER A 85 -5.87 -6.15 6.84
CA SER A 85 -6.35 -6.13 8.20
C SER A 85 -6.02 -4.84 8.93
N PRO A 86 -7.11 -4.20 9.42
CA PRO A 86 -6.90 -2.84 9.88
C PRO A 86 -5.67 -2.52 10.56
N ALA A 87 -4.60 -3.28 10.65
CA ALA A 87 -3.54 -2.78 11.46
C ALA A 87 -2.50 -1.99 10.75
N THR A 88 -2.39 -2.19 9.35
CA THR A 88 -1.48 -1.61 8.27
C THR A 88 -2.28 -0.74 7.32
N LEU A 89 -1.69 -0.32 6.18
CA LEU A 89 -2.36 0.52 5.22
C LEU A 89 -3.01 -0.29 4.11
N ILE A 90 -4.12 0.25 3.61
CA ILE A 90 -4.85 -0.35 2.51
C ILE A 90 -4.06 0.10 1.29
N PRO A 91 -3.37 -0.84 0.62
CA PRO A 91 -2.54 -0.63 -0.57
C PRO A 91 -3.13 0.27 -1.65
N ARG A 92 -2.70 1.53 -1.65
CA ARG A 92 -3.20 2.47 -2.62
C ARG A 92 -2.50 2.21 -3.95
N PRO A 93 -3.09 2.68 -5.07
CA PRO A 93 -2.53 2.50 -6.41
C PRO A 93 -1.37 3.42 -6.60
N ASP A 94 -1.59 4.69 -6.21
CA ASP A 94 -0.61 5.76 -6.30
C ASP A 94 0.78 5.26 -5.99
N THR A 95 0.82 4.06 -5.43
CA THR A 95 2.09 3.44 -5.17
C THR A 95 2.42 2.70 -6.46
N GLU A 96 2.46 3.47 -7.54
CA GLU A 96 2.73 3.05 -8.89
C GLU A 96 4.10 3.48 -9.16
N CYS A 97 4.33 4.77 -8.96
CA CYS A 97 5.63 5.41 -9.06
C CYS A 97 6.64 4.52 -8.34
N LEU A 98 6.36 4.26 -7.07
CA LEU A 98 7.26 3.46 -6.25
C LEU A 98 7.64 2.13 -6.83
N VAL A 99 6.66 1.36 -7.28
CA VAL A 99 6.94 0.06 -7.84
C VAL A 99 7.44 0.12 -9.30
N GLU A 100 6.98 1.13 -10.04
CA GLU A 100 7.40 1.28 -11.45
C GLU A 100 8.83 1.74 -11.58
N GLN A 101 9.22 2.71 -10.77
CA GLN A 101 10.58 3.22 -10.82
C GLN A 101 11.53 2.23 -10.20
N ALA A 102 11.08 1.57 -9.15
CA ALA A 102 11.89 0.57 -8.47
C ALA A 102 12.36 -0.40 -9.53
N LEU A 103 11.40 -0.91 -10.29
CA LEU A 103 11.65 -1.86 -11.37
C LEU A 103 12.44 -1.20 -12.49
N ALA A 104 12.05 0.00 -12.88
CA ALA A 104 12.75 0.70 -13.95
C ALA A 104 14.21 0.85 -13.56
N ARG A 105 14.54 0.38 -12.36
CA ARG A 105 15.90 0.47 -11.84
C ARG A 105 16.45 -0.84 -11.32
N LEU A 106 15.60 -1.85 -11.22
CA LEU A 106 16.00 -3.17 -10.76
C LEU A 106 16.72 -4.01 -11.82
N PRO A 107 16.37 -3.83 -13.12
CA PRO A 107 17.02 -4.61 -14.18
C PRO A 107 18.50 -4.26 -14.10
N GLU A 108 18.74 -3.02 -13.71
CA GLU A 108 20.08 -2.52 -13.53
C GLU A 108 20.69 -3.28 -12.36
N GLN A 109 19.90 -3.51 -11.30
CA GLN A 109 20.38 -4.20 -10.06
C GLN A 109 19.34 -4.90 -9.12
N PRO A 110 19.15 -6.27 -9.36
CA PRO A 110 18.23 -7.21 -8.61
C PRO A 110 18.46 -7.51 -7.18
N CYS A 111 19.41 -8.44 -6.96
CA CYS A 111 19.81 -9.03 -5.64
C CYS A 111 19.90 -8.12 -4.40
N ARG A 112 19.29 -8.52 -3.31
CA ARG A 112 19.34 -7.86 -1.99
C ARG A 112 18.72 -6.45 -1.89
N ILE A 113 17.40 -6.53 -1.76
CA ILE A 113 16.49 -5.42 -1.61
C ILE A 113 15.67 -5.45 -0.32
N LEU A 114 15.37 -4.27 0.19
CA LEU A 114 14.67 -4.10 1.45
C LEU A 114 13.43 -3.20 1.44
N ASP A 115 12.26 -3.79 1.69
CA ASP A 115 11.02 -3.01 1.72
C ASP A 115 10.81 -2.51 3.14
N LEU A 116 11.07 -1.23 3.36
CA LEU A 116 10.91 -0.64 4.69
C LEU A 116 9.43 -0.50 5.00
N GLY A 117 9.08 -0.71 6.27
CA GLY A 117 7.70 -0.61 6.73
C GLY A 117 6.74 -1.36 5.83
N THR A 118 7.18 -2.53 5.37
CA THR A 118 6.40 -3.36 4.45
C THR A 118 4.90 -3.30 4.56
N GLY A 119 4.40 -3.27 5.78
CA GLY A 119 2.97 -3.22 5.98
C GLY A 119 2.31 -4.54 5.65
N THR A 120 2.10 -4.74 4.39
CA THR A 120 1.43 -5.95 4.10
C THR A 120 2.22 -6.82 3.24
N GLY A 121 3.25 -6.29 2.62
CA GLY A 121 3.99 -7.05 1.69
C GLY A 121 3.71 -6.46 0.35
N ALA A 122 2.88 -5.46 0.26
CA ALA A 122 2.48 -4.82 -1.01
C ALA A 122 3.59 -4.66 -2.04
N ILE A 123 4.56 -3.83 -1.73
CA ILE A 123 5.62 -3.57 -2.68
C ILE A 123 6.64 -4.69 -2.71
N ALA A 124 7.10 -5.10 -1.51
CA ALA A 124 8.06 -6.18 -1.38
C ALA A 124 7.59 -7.30 -2.25
N LEU A 125 6.35 -7.60 -2.10
CA LEU A 125 5.73 -8.69 -2.79
C LEU A 125 5.64 -8.43 -4.26
N ALA A 126 4.99 -7.37 -4.77
CA ALA A 126 4.94 -7.09 -6.23
C ALA A 126 6.33 -7.04 -6.85
N LEU A 127 7.34 -6.82 -6.00
CA LEU A 127 8.73 -6.74 -6.39
C LEU A 127 9.35 -8.06 -6.49
N ALA A 128 9.23 -8.91 -5.48
CA ALA A 128 9.89 -10.21 -5.48
C ALA A 128 9.44 -11.17 -6.57
N SER A 129 8.15 -11.12 -6.91
CA SER A 129 7.60 -12.01 -7.91
C SER A 129 8.20 -11.81 -9.27
N GLU A 130 8.27 -10.54 -9.62
CA GLU A 130 8.83 -10.28 -10.90
C GLU A 130 10.33 -10.61 -10.82
N ARG A 131 10.88 -10.38 -9.65
CA ARG A 131 12.31 -10.53 -9.48
C ARG A 131 12.81 -11.57 -8.46
N PRO A 132 12.77 -12.86 -8.75
CA PRO A 132 13.20 -13.89 -7.80
C PRO A 132 14.72 -13.91 -7.84
N ASP A 133 15.28 -13.33 -8.91
CA ASP A 133 16.74 -13.23 -9.08
C ASP A 133 17.25 -12.59 -7.81
N CYS A 134 16.44 -11.69 -7.26
CA CYS A 134 16.78 -10.99 -6.05
C CYS A 134 15.92 -11.42 -4.87
N GLU A 135 16.32 -10.98 -3.69
CA GLU A 135 15.64 -11.29 -2.45
C GLU A 135 14.97 -10.03 -1.91
N ILE A 136 13.89 -10.20 -1.15
CA ILE A 136 13.15 -9.09 -0.62
C ILE A 136 13.00 -9.13 0.90
N ILE A 137 13.17 -8.00 1.56
CA ILE A 137 13.02 -7.98 3.00
C ILE A 137 11.98 -6.98 3.51
N ALA A 138 11.03 -7.50 4.26
CA ALA A 138 9.99 -6.67 4.80
C ALA A 138 10.15 -6.59 6.31
N VAL A 139 9.76 -5.46 6.87
CA VAL A 139 9.89 -5.26 8.30
C VAL A 139 8.77 -4.34 8.74
N ASP A 140 8.44 -4.38 10.03
CA ASP A 140 7.40 -3.54 10.56
C ASP A 140 7.42 -3.57 12.07
N ARG A 141 7.01 -2.48 12.71
CA ARG A 141 6.97 -2.38 14.17
C ARG A 141 5.61 -2.65 14.79
N MET A 142 4.72 -3.30 14.04
CA MET A 142 3.42 -3.64 14.56
C MET A 142 3.06 -5.07 14.15
N PRO A 143 3.17 -6.02 15.10
CA PRO A 143 2.92 -7.46 14.96
C PRO A 143 1.87 -7.95 13.96
N ASP A 144 0.75 -7.24 13.85
CA ASP A 144 -0.29 -7.67 12.93
C ASP A 144 0.18 -7.57 11.49
N ALA A 145 0.73 -6.42 11.10
CA ALA A 145 1.19 -6.21 9.79
C ALA A 145 2.25 -7.25 9.54
N VAL A 146 3.14 -7.47 10.53
CA VAL A 146 4.21 -8.46 10.50
C VAL A 146 3.70 -9.75 9.84
N SER A 147 2.70 -10.38 10.50
CA SER A 147 2.02 -11.63 10.06
C SER A 147 1.18 -11.41 8.79
N LEU A 148 0.43 -10.29 8.82
CA LEU A 148 -0.38 -9.95 7.66
C LEU A 148 0.49 -10.09 6.42
N ALA A 149 1.70 -9.51 6.42
CA ALA A 149 2.56 -9.73 5.24
C ALA A 149 2.80 -11.21 5.07
N GLN A 150 3.40 -11.78 6.11
CA GLN A 150 3.72 -13.21 6.16
C GLN A 150 2.60 -14.06 5.56
N ARG A 151 1.36 -13.64 5.77
CA ARG A 151 0.21 -14.37 5.24
C ARG A 151 0.13 -14.29 3.73
N ASN A 152 -0.04 -13.08 3.22
CA ASN A 152 -0.12 -12.81 1.79
C ASN A 152 1.08 -13.47 1.13
N ALA A 153 2.24 -13.28 1.74
CA ALA A 153 3.47 -13.86 1.22
C ALA A 153 3.23 -15.31 0.86
N GLN A 154 2.55 -16.01 1.77
CA GLN A 154 2.26 -17.42 1.61
C GLN A 154 1.14 -17.77 0.64
N HIS A 155 0.14 -16.91 0.50
CA HIS A 155 -0.98 -17.20 -0.41
C HIS A 155 -0.51 -17.37 -1.86
N LEU A 156 0.08 -16.33 -2.43
CA LEU A 156 0.58 -16.41 -3.79
C LEU A 156 1.86 -17.22 -3.75
N ALA A 157 2.19 -17.69 -2.55
CA ALA A 157 3.38 -18.49 -2.30
C ALA A 157 4.59 -17.94 -3.02
N ILE A 158 5.30 -17.01 -2.40
CA ILE A 158 6.52 -16.47 -3.03
C ILE A 158 7.80 -16.91 -2.32
N LYS A 159 8.95 -16.58 -2.91
CA LYS A 159 10.23 -17.01 -2.36
C LYS A 159 11.26 -15.96 -1.90
N ASN A 160 12.09 -16.43 -0.96
CA ASN A 160 13.21 -15.72 -0.32
C ASN A 160 13.00 -14.31 0.20
N ILE A 161 11.84 -14.04 0.78
CA ILE A 161 11.58 -12.73 1.33
C ILE A 161 11.27 -12.94 2.80
N HIS A 162 11.94 -12.19 3.65
CA HIS A 162 11.69 -12.33 5.07
C HIS A 162 11.12 -11.04 5.63
N ILE A 163 10.11 -11.20 6.47
CA ILE A 163 9.46 -10.07 7.10
C ILE A 163 9.92 -10.07 8.56
N LEU A 164 9.92 -8.90 9.22
CA LEU A 164 10.38 -8.87 10.60
C LEU A 164 9.85 -7.77 11.51
N GLN A 165 10.12 -7.96 12.79
CA GLN A 165 9.60 -7.07 13.80
C GLN A 165 10.70 -6.33 14.45
N SER A 166 10.84 -5.06 14.03
CA SER A 166 11.87 -4.20 14.57
C SER A 166 11.72 -2.79 14.12
N ASP A 167 12.31 -1.84 14.78
CA ASP A 167 12.23 -0.43 14.31
C ASP A 167 13.06 -0.36 12.99
N TRP A 168 12.64 0.41 11.99
CA TRP A 168 13.30 0.41 10.70
C TRP A 168 14.56 -0.46 10.60
N PHE A 169 15.68 0.13 10.94
CA PHE A 169 16.99 -0.49 10.86
C PHE A 169 17.29 -1.30 12.05
N SER A 170 16.51 -1.11 13.16
CA SER A 170 16.63 -1.76 14.50
C SER A 170 17.28 -3.17 14.51
N ALA A 171 16.54 -4.08 13.98
CA ALA A 171 17.06 -5.44 13.93
C ALA A 171 18.03 -5.63 12.71
N LEU A 172 18.53 -4.61 12.03
CA LEU A 172 19.30 -4.81 10.77
C LEU A 172 20.79 -4.58 10.80
N ALA A 173 21.56 -5.47 10.15
CA ALA A 173 22.99 -5.18 10.10
C ALA A 173 23.58 -5.58 8.80
N GLY A 174 22.78 -6.22 8.05
CA GLY A 174 23.12 -6.78 6.77
C GLY A 174 22.56 -5.82 5.74
N GLN A 175 23.20 -4.67 5.63
CA GLN A 175 22.76 -3.61 4.73
C GLN A 175 23.25 -3.63 3.30
N GLN A 176 24.03 -4.64 2.94
CA GLN A 176 24.53 -4.74 1.57
C GLN A 176 23.33 -4.91 0.62
N PHE A 177 22.53 -3.85 0.60
CA PHE A 177 21.39 -3.67 -0.25
C PHE A 177 21.79 -2.61 -1.19
N ALA A 178 21.45 -2.80 -2.43
CA ALA A 178 21.83 -1.76 -3.38
C ALA A 178 20.60 -0.90 -3.66
N MET A 179 19.50 -1.44 -3.12
CA MET A 179 18.16 -0.91 -3.30
C MET A 179 17.25 -1.08 -2.06
N ILE A 180 16.90 0.05 -1.45
CA ILE A 180 15.98 0.08 -0.34
C ILE A 180 14.75 0.80 -0.84
N VAL A 181 13.57 0.38 -0.44
CA VAL A 181 12.36 1.02 -0.93
C VAL A 181 11.47 1.22 0.25
N SER A 182 10.62 2.23 0.20
CA SER A 182 9.76 2.45 1.34
C SER A 182 8.66 3.48 1.19
N ASN A 183 7.49 3.12 1.71
CA ASN A 183 6.35 4.02 1.75
C ASN A 183 6.00 4.12 3.24
N PRO A 184 6.69 5.02 3.95
CA PRO A 184 6.50 5.27 5.37
C PRO A 184 5.31 6.20 5.69
N PRO A 185 5.08 6.44 6.99
CA PRO A 185 3.98 7.31 7.38
C PRO A 185 4.44 8.74 7.06
N TYR A 186 3.61 9.51 6.37
CA TYR A 186 4.01 10.86 6.06
C TYR A 186 2.93 11.91 6.28
N ILE A 187 2.09 11.69 7.27
CA ILE A 187 1.02 12.64 7.52
C ILE A 187 1.23 13.48 8.79
N ASP A 188 0.83 14.74 8.68
CA ASP A 188 0.93 15.75 9.72
C ASP A 188 -0.07 15.37 10.80
N GLU A 189 0.42 15.36 12.04
CA GLU A 189 -0.38 15.01 13.20
C GLU A 189 -1.68 15.79 13.19
N GLN A 190 -1.60 17.03 12.72
CA GLN A 190 -2.73 17.95 12.68
C GLN A 190 -3.44 18.06 11.36
N ASP A 191 -3.06 17.27 10.37
CA ASP A 191 -3.71 17.38 9.08
C ASP A 191 -5.22 17.13 9.10
N PRO A 192 -5.97 17.97 8.38
CA PRO A 192 -7.41 17.76 8.36
C PRO A 192 -7.83 16.60 7.44
N HIS A 193 -6.90 16.09 6.65
CA HIS A 193 -7.24 14.99 5.77
C HIS A 193 -7.27 13.68 6.55
N LEU A 194 -6.68 13.70 7.75
CA LEU A 194 -6.71 12.52 8.61
C LEU A 194 -8.16 12.37 8.99
N GLN A 195 -8.91 13.44 8.77
CA GLN A 195 -10.34 13.55 9.07
C GLN A 195 -11.30 13.26 7.93
N GLN A 196 -10.80 12.91 6.76
CA GLN A 196 -11.72 12.67 5.67
C GLN A 196 -11.82 11.20 5.24
N GLY A 197 -13.05 10.80 4.93
CA GLY A 197 -13.32 9.45 4.48
C GLY A 197 -12.51 8.28 5.02
N ASP A 198 -12.14 7.40 4.11
CA ASP A 198 -11.41 6.18 4.41
C ASP A 198 -10.32 6.28 5.48
N VAL A 199 -9.69 7.44 5.60
CA VAL A 199 -8.64 7.64 6.58
C VAL A 199 -9.08 7.76 8.04
N ARG A 200 -10.31 8.10 8.26
CA ARG A 200 -10.68 8.10 9.60
C ARG A 200 -10.62 6.68 10.10
N PHE A 201 -10.33 5.66 9.26
CA PHE A 201 -10.40 4.25 9.70
C PHE A 201 -9.09 3.47 9.80
N GLU A 202 -8.02 4.02 9.27
CA GLU A 202 -6.73 3.34 9.30
C GLU A 202 -5.95 3.77 10.52
N PRO A 203 -5.00 2.94 10.97
CA PRO A 203 -4.15 3.17 12.14
C PRO A 203 -3.40 4.50 12.17
N LEU A 204 -3.37 5.15 13.33
CA LEU A 204 -2.62 6.40 13.42
C LEU A 204 -1.19 6.04 13.07
N THR A 205 -0.76 4.88 13.54
CA THR A 205 0.57 4.39 13.28
C THR A 205 0.85 4.35 11.79
N ALA A 206 0.09 3.54 11.09
CA ALA A 206 0.25 3.41 9.67
C ALA A 206 0.27 4.75 8.97
N LEU A 207 -0.29 5.78 9.60
CA LEU A 207 -0.39 7.11 8.99
C LEU A 207 0.50 8.25 9.51
N VAL A 208 0.63 8.34 10.83
CA VAL A 208 1.37 9.44 11.44
C VAL A 208 2.89 9.41 11.50
N ALA A 209 3.46 10.53 11.13
CA ALA A 209 4.88 10.81 11.15
C ALA A 209 4.98 11.98 12.15
N ALA A 210 6.15 12.23 12.71
CA ALA A 210 6.36 13.19 13.83
C ALA A 210 6.66 14.66 13.54
N ASP A 211 7.79 15.13 13.05
CA ASP A 211 8.10 16.53 12.67
C ASP A 211 6.93 17.40 12.11
N SER A 212 6.71 17.11 10.88
CA SER A 212 5.59 17.67 10.21
C SER A 212 5.04 16.54 9.39
N GLY A 213 5.55 15.34 9.55
CA GLY A 213 5.12 14.23 8.74
C GLY A 213 6.39 13.79 8.06
N MET A 214 7.43 14.57 8.30
CA MET A 214 8.78 14.41 7.79
C MET A 214 9.68 13.59 8.66
N ALA A 215 9.44 13.48 9.99
CA ALA A 215 10.22 12.68 10.96
C ALA A 215 10.71 11.33 10.47
N ASP A 216 9.84 10.38 10.22
CA ASP A 216 10.31 9.05 9.75
C ASP A 216 10.96 9.07 8.38
N ILE A 217 10.47 9.88 7.47
CA ILE A 217 11.07 10.02 6.14
C ILE A 217 12.57 10.36 6.29
N VAL A 218 12.80 11.55 6.82
CA VAL A 218 14.13 12.01 7.11
C VAL A 218 14.94 10.92 7.82
N HIS A 219 14.35 10.31 8.84
CA HIS A 219 15.08 9.29 9.59
C HIS A 219 15.43 8.06 8.76
N ILE A 220 14.56 7.54 7.86
CA ILE A 220 15.05 6.43 7.11
C ILE A 220 16.08 6.95 6.14
N ILE A 221 15.91 8.05 5.47
CA ILE A 221 16.97 8.65 4.64
C ILE A 221 18.37 8.59 5.28
N GLU A 222 18.49 9.29 6.41
CA GLU A 222 19.76 9.33 7.09
C GLU A 222 20.15 7.94 7.49
N GLN A 223 19.38 7.35 8.39
CA GLN A 223 19.65 6.01 8.91
C GLN A 223 19.88 4.94 7.83
N SER A 224 19.02 4.96 6.82
CA SER A 224 19.04 3.98 5.72
C SER A 224 20.19 4.14 4.78
N ARG A 225 20.59 5.38 4.57
CA ARG A 225 21.70 5.62 3.66
C ARG A 225 23.02 5.23 4.32
N ASN A 226 23.25 5.50 5.59
CA ASN A 226 24.43 4.98 6.17
C ASN A 226 24.70 3.51 5.69
N ALA A 227 23.71 2.72 5.24
CA ALA A 227 23.98 1.29 4.80
C ALA A 227 25.22 1.07 3.90
N LEU A 228 25.65 2.13 3.22
CA LEU A 228 26.76 2.00 2.26
C LEU A 228 26.29 1.12 1.13
N VAL A 229 25.34 1.61 0.29
CA VAL A 229 24.74 0.69 -0.74
C VAL A 229 25.43 0.84 -2.07
N SER A 230 26.22 1.91 -2.09
CA SER A 230 27.05 2.35 -3.22
C SER A 230 26.47 2.31 -4.64
N GLY A 231 25.79 3.39 -5.02
CA GLY A 231 25.17 3.45 -6.32
C GLY A 231 23.77 2.90 -6.16
N GLY A 232 23.54 2.33 -4.99
CA GLY A 232 22.24 1.77 -4.66
C GLY A 232 21.25 2.89 -4.50
N PHE A 233 19.97 2.56 -4.57
CA PHE A 233 18.94 3.56 -4.44
C PHE A 233 18.06 3.44 -3.22
N LEU A 234 17.56 4.60 -2.80
CA LEU A 234 16.62 4.68 -1.72
C LEU A 234 15.46 5.41 -2.36
N LEU A 235 14.36 4.68 -2.54
CA LEU A 235 13.14 5.20 -3.15
C LEU A 235 12.11 5.30 -2.05
N LEU A 236 11.43 6.43 -2.01
CA LEU A 236 10.45 6.73 -1.00
C LEU A 236 9.14 7.39 -1.49
N GLU A 237 8.02 6.96 -0.90
CA GLU A 237 6.72 7.51 -1.24
C GLU A 237 6.45 8.56 -0.16
N HIS A 238 5.79 9.65 -0.56
CA HIS A 238 5.48 10.75 0.33
C HIS A 238 4.35 11.59 -0.22
N GLY A 239 3.64 12.27 0.66
CA GLY A 239 2.53 13.10 0.23
C GLY A 239 2.95 14.09 -0.84
N TRP A 240 1.97 14.56 -1.61
CA TRP A 240 2.23 15.49 -2.69
C TRP A 240 3.01 16.74 -2.31
N GLN A 241 2.77 17.23 -1.10
CA GLN A 241 3.42 18.44 -0.65
C GLN A 241 4.71 18.27 0.13
N GLN A 242 5.31 17.08 0.07
CA GLN A 242 6.55 16.87 0.80
C GLN A 242 7.73 16.68 -0.13
N GLY A 243 7.47 16.97 -1.40
CA GLY A 243 8.48 16.86 -2.42
C GLY A 243 9.72 17.64 -2.08
N GLU A 244 9.65 18.96 -2.19
CA GLU A 244 10.79 19.84 -1.90
C GLU A 244 11.49 19.53 -0.59
N ALA A 245 10.70 19.30 0.45
CA ALA A 245 11.25 18.97 1.74
C ALA A 245 12.01 17.67 1.63
N VAL A 246 11.35 16.63 1.13
CA VAL A 246 11.97 15.33 0.96
C VAL A 246 13.18 15.43 0.06
N ARG A 247 13.02 16.23 -0.99
CA ARG A 247 14.05 16.48 -1.98
C ARG A 247 15.27 16.97 -1.23
N GLN A 248 15.13 18.13 -0.60
CA GLN A 248 16.20 18.72 0.21
C GLN A 248 16.78 17.67 1.14
N ALA A 249 15.87 17.07 1.90
CA ALA A 249 16.20 16.04 2.85
C ALA A 249 17.32 15.15 2.37
N PHE A 250 17.13 14.49 1.22
CA PHE A 250 18.13 13.58 0.69
C PHE A 250 19.48 14.25 0.64
N ILE A 251 19.51 15.37 -0.08
CA ILE A 251 20.74 16.10 -0.24
C ILE A 251 21.50 16.31 1.05
N LEU A 252 20.94 17.07 1.97
CA LEU A 252 21.63 17.31 3.23
C LEU A 252 22.11 15.99 3.84
N ALA A 253 21.43 14.92 3.46
CA ALA A 253 21.76 13.63 3.99
C ALA A 253 22.66 12.84 3.04
N GLY A 254 22.31 12.77 1.71
CA GLY A 254 22.89 11.88 0.69
C GLY A 254 23.88 12.37 -0.42
N TYR A 255 24.06 11.59 -1.49
CA TYR A 255 25.15 11.80 -2.42
C TYR A 255 24.73 12.07 -3.81
N HIS A 256 24.25 11.09 -4.61
CA HIS A 256 23.84 11.15 -6.06
C HIS A 256 22.67 12.07 -6.42
N ASP A 257 22.50 12.34 -7.75
CA ASP A 257 21.38 13.17 -8.19
C ASP A 257 20.07 12.71 -7.54
N VAL A 258 19.29 13.63 -6.99
CA VAL A 258 18.03 13.29 -6.35
C VAL A 258 16.95 13.60 -7.36
N GLU A 259 15.91 12.78 -7.38
CA GLU A 259 14.84 12.98 -8.34
C GLU A 259 13.44 12.86 -7.74
N THR A 260 12.57 13.79 -8.09
CA THR A 260 11.20 13.71 -7.61
C THR A 260 10.37 13.37 -8.84
N CYS A 261 9.87 12.15 -8.88
CA CYS A 261 9.08 11.65 -9.99
C CYS A 261 7.59 11.69 -9.62
N ARG A 262 6.75 12.01 -10.59
CA ARG A 262 5.32 12.11 -10.34
C ARG A 262 4.66 10.73 -10.25
N ASP A 263 3.49 10.69 -9.62
CA ASP A 263 2.74 9.44 -9.50
C ASP A 263 1.78 9.45 -10.68
N TYR A 264 0.49 9.58 -10.41
CA TYR A 264 -0.45 9.62 -11.50
C TYR A 264 -0.73 11.06 -11.95
N GLY A 265 -1.77 11.66 -11.40
CA GLY A 265 -2.12 12.98 -11.84
C GLY A 265 -1.44 14.04 -11.00
N ASP A 266 -1.82 14.04 -9.72
CA ASP A 266 -1.41 15.19 -8.92
C ASP A 266 -0.01 15.26 -8.64
N ASN A 267 0.74 14.40 -8.12
CA ASN A 267 2.03 15.02 -8.22
C ASN A 267 3.06 14.07 -8.04
N GLU A 268 4.05 14.69 -7.44
CA GLU A 268 5.18 14.01 -7.02
C GLU A 268 4.68 13.14 -5.91
N ARG A 269 5.03 11.91 -6.05
CA ARG A 269 4.72 10.88 -5.07
C ARG A 269 5.89 9.96 -4.69
N VAL A 270 7.07 10.22 -5.26
CA VAL A 270 8.27 9.43 -4.95
C VAL A 270 9.52 10.26 -5.19
N THR A 271 10.51 10.09 -4.33
CA THR A 271 11.74 10.83 -4.47
C THR A 271 12.86 9.86 -4.21
N LEU A 272 13.88 9.91 -5.06
CA LEU A 272 15.00 8.99 -4.97
C LEU A 272 16.34 9.61 -5.25
N GLY A 273 17.40 8.85 -4.96
CA GLY A 273 18.77 9.28 -5.18
C GLY A 273 19.64 8.18 -4.63
N ARG A 274 20.92 8.13 -5.02
CA ARG A 274 21.85 7.08 -4.54
C ARG A 274 23.11 7.54 -3.80
N TYR A 275 23.94 6.57 -3.37
CA TYR A 275 25.16 6.86 -2.60
C TYR A 275 26.57 6.59 -3.22
#